data_1ZVF
#
_entry.id   1ZVF
#
_cell.length_a   41.104
_cell.length_b   66.195
_cell.length_c   130.188
_cell.angle_alpha   90.00
_cell.angle_beta   90.00
_cell.angle_gamma   90.00
#
_symmetry.space_group_name_H-M   'P 21 21 21'
#
loop_
_entity.id
_entity.type
_entity.pdbx_description
1 polymer '3-hydroxyanthranilate 3,4-dioxygenase'
2 non-polymer 'NICKEL (II) ION'
3 water water
#
_entity_poly.entity_id   1
_entity_poly.type   'polypeptide(L)'
_entity_poly.pdbx_seq_one_letter_code
;AMFNTTPINIDKWLKENEGLLKPPVNNYCLHKGGFTVMIVGGPNERTDYHINPTPEWFYQKKGSMLLKVVDETDAEPKFI
DIIINEGDSYLLPGNVPHSPVRFADTVGIVVEQDRPGGENDKIRWYCSHCRQVVHESELQMLDLGTQVKEAILDFENDVE
KRTCFHCKTLNYARPQ
;
_entity_poly.pdbx_strand_id   A,B
#
loop_
_chem_comp.id
_chem_comp.type
_chem_comp.name
_chem_comp.formula
NI non-polymer 'NICKEL (II) ION' 'Ni 2'
#
# COMPACT_ATOMS: atom_id res chain seq x y z
N ALA A 1 22.47 1.57 -4.90
CA ALA A 1 21.65 1.55 -3.64
C ALA A 1 22.03 2.65 -2.62
N MET A 2 21.52 3.86 -2.83
CA MET A 2 21.39 4.84 -1.73
C MET A 2 19.96 4.76 -1.20
N PHE A 3 19.26 3.76 -1.73
CA PHE A 3 17.97 3.32 -1.25
C PHE A 3 18.11 1.82 -1.03
N ASN A 4 17.14 1.22 -0.34
CA ASN A 4 17.15 -0.21 -0.08
C ASN A 4 16.91 -1.01 -1.35
N THR A 5 17.77 -1.99 -1.58
CA THR A 5 17.58 -2.98 -2.62
C THR A 5 17.37 -4.37 -1.99
N THR A 6 17.11 -4.40 -0.68
CA THR A 6 17.04 -5.65 0.07
C THR A 6 15.62 -5.92 0.60
N PRO A 7 14.91 -6.86 -0.06
CA PRO A 7 13.57 -7.24 0.36
C PRO A 7 13.60 -7.93 1.71
N ILE A 8 12.45 -7.98 2.38
CA ILE A 8 12.33 -8.64 3.68
C ILE A 8 11.39 -9.83 3.59
N ASN A 9 11.87 -11.00 3.95
CA ASN A 9 10.99 -12.17 4.06
C ASN A 9 10.24 -12.06 5.36
N ILE A 10 8.92 -11.98 5.26
CA ILE A 10 8.10 -11.73 6.43
C ILE A 10 8.10 -12.94 7.36
N ASP A 11 7.96 -14.14 6.79
CA ASP A 11 8.04 -15.39 7.56
C ASP A 11 9.33 -15.53 8.38
N LYS A 12 10.46 -15.23 7.74
CA LYS A 12 11.74 -15.23 8.43
C LYS A 12 11.86 -14.07 9.42
N TRP A 13 11.35 -12.90 9.04
CA TRP A 13 11.33 -11.78 9.97
C TRP A 13 10.50 -12.14 11.20
N LEU A 14 9.39 -12.85 10.99
CA LEU A 14 8.49 -13.25 12.07
C LEU A 14 9.15 -14.21 13.09
N LYS A 15 9.77 -15.29 12.60
CA LYS A 15 10.58 -16.18 13.44
C LYS A 15 11.62 -15.39 14.27
N GLU A 16 12.24 -14.40 13.64
CA GLU A 16 13.28 -13.60 14.27
C GLU A 16 12.71 -12.60 15.26
N ASN A 17 11.61 -11.94 14.90
CA ASN A 17 11.15 -10.74 15.63
C ASN A 17 9.70 -10.77 16.09
N GLU A 18 9.16 -11.97 16.29
CA GLU A 18 7.77 -12.15 16.70
C GLU A 18 7.37 -11.27 17.88
N GLY A 19 8.28 -11.16 18.87
CA GLY A 19 8.05 -10.39 20.08
C GLY A 19 7.92 -8.88 19.89
N LEU A 20 8.43 -8.37 18.77
CA LEU A 20 8.26 -6.97 18.45
C LEU A 20 6.78 -6.65 18.31
N LEU A 21 5.99 -7.66 17.96
CA LEU A 21 4.58 -7.45 17.62
C LEU A 21 3.65 -7.53 18.82
N LYS A 22 4.22 -7.84 19.98
CA LYS A 22 3.49 -7.89 21.25
C LYS A 22 3.04 -6.49 21.71
N PRO A 23 1.91 -6.40 22.44
CA PRO A 23 1.54 -5.17 23.14
C PRO A 23 2.69 -4.69 24.05
N PRO A 24 2.76 -3.38 24.33
CA PRO A 24 1.82 -2.33 23.93
C PRO A 24 2.08 -1.75 22.52
N VAL A 25 3.30 -1.91 22.01
CA VAL A 25 3.62 -1.43 20.65
C VAL A 25 3.58 -2.62 19.70
N ASN A 26 2.41 -2.84 19.14
CA ASN A 26 2.11 -4.04 18.37
C ASN A 26 2.40 -3.92 16.86
N ASN A 27 2.91 -2.77 16.44
CA ASN A 27 3.17 -2.48 15.03
C ASN A 27 4.65 -2.21 14.77
N TYR A 28 5.22 -2.95 13.82
CA TYR A 28 6.61 -2.75 13.41
C TYR A 28 6.65 -2.23 11.99
N CYS A 29 7.57 -1.29 11.75
CA CYS A 29 7.60 -0.60 10.48
C CYS A 29 8.65 -1.15 9.53
N LEU A 30 8.20 -1.92 8.55
CA LEU A 30 9.09 -2.64 7.64
C LEU A 30 9.74 -1.74 6.59
N HIS A 31 8.98 -0.77 6.09
CA HIS A 31 9.47 0.14 5.05
C HIS A 31 8.90 1.52 5.31
N LYS A 32 9.74 2.54 5.16
CA LYS A 32 9.31 3.93 5.22
C LYS A 32 9.78 4.75 4.01
N GLY A 33 9.01 5.77 3.66
CA GLY A 33 9.41 6.78 2.68
C GLY A 33 8.48 6.78 1.50
N GLY A 34 7.49 7.69 1.52
CA GLY A 34 6.38 7.69 0.57
C GLY A 34 5.24 6.81 1.07
N PHE A 35 5.51 5.51 1.22
CA PHE A 35 4.58 4.60 1.86
C PHE A 35 5.13 4.17 3.21
N THR A 36 4.26 4.07 4.19
CA THR A 36 4.63 3.43 5.45
C THR A 36 4.01 2.05 5.45
N VAL A 37 4.86 1.03 5.43
CA VAL A 37 4.43 -0.38 5.38
C VAL A 37 4.71 -0.98 6.76
N MET A 38 3.64 -1.35 7.46
N MET A 38 3.65 -1.36 7.46
CA MET A 38 3.73 -1.90 8.82
CA MET A 38 3.80 -1.93 8.80
C MET A 38 3.32 -3.37 8.90
C MET A 38 3.27 -3.34 8.94
N ILE A 39 3.88 -4.08 9.87
CA ILE A 39 3.47 -5.44 10.20
C ILE A 39 2.95 -5.39 11.65
N VAL A 40 1.77 -5.97 11.87
CA VAL A 40 1.02 -5.69 13.09
C VAL A 40 0.41 -6.96 13.65
N GLY A 41 0.68 -7.19 14.93
CA GLY A 41 0.07 -8.28 15.69
C GLY A 41 -1.00 -7.77 16.65
N GLY A 42 -1.31 -8.58 17.65
CA GLY A 42 -2.36 -8.27 18.62
C GLY A 42 -2.12 -9.08 19.89
N PRO A 43 -3.04 -9.01 20.85
CA PRO A 43 -4.28 -8.27 20.76
C PRO A 43 -4.01 -6.79 20.88
N ASN A 44 -4.79 -5.98 20.17
CA ASN A 44 -4.73 -4.54 20.34
C ASN A 44 -6.06 -3.87 20.05
N GLU A 45 -6.63 -3.22 21.05
CA GLU A 45 -7.71 -2.28 20.75
C GLU A 45 -7.68 -1.00 21.59
N ARG A 46 -8.37 0.00 21.07
CA ARG A 46 -8.62 1.24 21.77
C ARG A 46 -9.98 1.71 21.33
N THR A 47 -10.62 2.52 22.15
CA THR A 47 -11.98 3.02 21.87
C THR A 47 -11.98 4.04 20.73
N ASP A 48 -10.80 4.54 20.37
CA ASP A 48 -10.68 5.66 19.45
C ASP A 48 -10.83 5.22 18.01
N TYR A 49 -11.35 6.13 17.20
CA TYR A 49 -11.39 6.01 15.75
C TYR A 49 -10.44 7.04 15.15
N HIS A 50 -9.67 6.60 14.16
CA HIS A 50 -8.70 7.41 13.46
C HIS A 50 -9.38 7.97 12.22
N ILE A 51 -8.98 9.17 11.83
CA ILE A 51 -9.45 9.71 10.57
C ILE A 51 -8.26 10.17 9.74
N ASN A 52 -8.01 9.41 8.68
CA ASN A 52 -6.90 9.58 7.77
C ASN A 52 -7.40 10.28 6.50
N PRO A 53 -6.86 11.46 6.16
CA PRO A 53 -7.26 12.13 4.91
C PRO A 53 -6.88 11.30 3.69
N THR A 54 -6.13 10.21 3.92
CA THR A 54 -5.65 9.33 2.86
C THR A 54 -6.10 7.89 3.14
N PRO A 55 -5.97 6.98 2.15
CA PRO A 55 -6.45 5.63 2.36
C PRO A 55 -5.49 4.76 3.16
N GLU A 56 -6.04 3.71 3.75
CA GLU A 56 -5.24 2.69 4.41
C GLU A 56 -5.57 1.31 3.83
N TRP A 57 -4.54 0.55 3.46
CA TRP A 57 -4.74 -0.80 2.91
C TRP A 57 -4.38 -1.84 3.94
N PHE A 58 -5.28 -2.79 4.14
CA PHE A 58 -5.09 -3.85 5.13
C PHE A 58 -4.95 -5.19 4.42
N TYR A 59 -4.06 -6.03 4.93
CA TYR A 59 -3.93 -7.40 4.46
C TYR A 59 -3.62 -8.35 5.62
N GLN A 60 -4.43 -9.41 5.75
CA GLN A 60 -4.22 -10.31 6.89
C GLN A 60 -3.41 -11.53 6.48
N LYS A 61 -2.16 -11.56 6.93
CA LYS A 61 -1.31 -12.69 6.67
C LYS A 61 -1.77 -13.89 7.52
N LYS A 62 -1.94 -13.68 8.83
CA LYS A 62 -2.39 -14.75 9.69
C LYS A 62 -3.54 -14.32 10.59
N GLY A 63 -4.63 -15.08 10.54
CA GLY A 63 -5.79 -14.80 11.38
C GLY A 63 -6.60 -13.61 10.91
N SER A 64 -7.70 -13.35 11.60
CA SER A 64 -8.56 -12.29 11.17
C SER A 64 -8.45 -11.06 12.08
N MET A 65 -8.97 -9.93 11.58
CA MET A 65 -9.02 -8.71 12.35
C MET A 65 -10.43 -8.09 12.26
N LEU A 66 -10.73 -7.19 13.18
CA LEU A 66 -11.98 -6.47 13.16
C LEU A 66 -11.69 -4.99 12.83
N LEU A 67 -12.16 -4.51 11.69
CA LEU A 67 -12.01 -3.10 11.34
C LEU A 67 -13.36 -2.44 11.48
N LYS A 68 -13.52 -1.66 12.55
CA LYS A 68 -14.74 -0.90 12.79
C LYS A 68 -14.70 0.42 12.01
N VAL A 69 -15.74 0.71 11.24
CA VAL A 69 -15.81 1.96 10.47
C VAL A 69 -17.11 2.70 10.70
N VAL A 70 -17.06 4.01 10.51
CA VAL A 70 -18.31 4.77 10.48
C VAL A 70 -18.52 5.28 9.07
N ASP A 71 -19.70 4.97 8.54
CA ASP A 71 -20.13 5.49 7.26
C ASP A 71 -21.00 6.71 7.54
N GLU A 72 -20.54 7.87 7.06
CA GLU A 72 -21.16 9.16 7.34
C GLU A 72 -21.85 9.72 6.11
N THR A 73 -22.06 8.85 5.11
CA THR A 73 -22.62 9.28 3.82
C THR A 73 -24.00 9.92 3.91
N ASP A 74 -24.87 9.38 4.78
CA ASP A 74 -26.25 9.85 4.89
C ASP A 74 -26.52 10.60 6.18
N ALA A 75 -27.79 10.81 6.50
CA ALA A 75 -28.16 11.61 7.69
C ALA A 75 -27.67 10.95 8.97
N GLU A 76 -28.11 9.72 9.22
CA GLU A 76 -27.64 8.97 10.37
C GLU A 76 -26.41 8.17 10.03
N PRO A 77 -25.46 8.08 10.99
CA PRO A 77 -24.25 7.28 10.80
C PRO A 77 -24.57 5.80 10.74
N LYS A 78 -23.66 5.05 10.16
CA LYS A 78 -23.75 3.59 10.11
C LYS A 78 -22.45 3.10 10.67
N PHE A 79 -22.55 2.32 11.74
CA PHE A 79 -21.41 1.72 12.41
C PHE A 79 -21.30 0.30 11.92
N ILE A 80 -20.30 0.08 11.06
CA ILE A 80 -20.08 -1.20 10.40
C ILE A 80 -18.82 -1.86 10.94
N ASP A 81 -18.93 -3.13 11.27
CA ASP A 81 -17.77 -3.96 11.55
C ASP A 81 -17.38 -4.65 10.27
N ILE A 82 -16.19 -4.35 9.77
CA ILE A 82 -15.64 -5.11 8.66
C ILE A 82 -14.74 -6.19 9.21
N ILE A 83 -15.09 -7.44 8.98
CA ILE A 83 -14.25 -8.55 9.36
C ILE A 83 -13.30 -8.86 8.21
N ILE A 84 -12.00 -8.79 8.50
CA ILE A 84 -10.99 -8.98 7.49
C ILE A 84 -10.32 -10.30 7.85
N ASN A 85 -10.72 -11.36 7.13
CA ASN A 85 -10.28 -12.72 7.38
C ASN A 85 -8.86 -12.95 6.91
N GLU A 86 -8.25 -14.05 7.31
CA GLU A 86 -6.91 -14.39 6.84
C GLU A 86 -6.91 -14.35 5.32
N GLY A 87 -5.85 -13.82 4.73
CA GLY A 87 -5.76 -13.71 3.28
C GLY A 87 -6.62 -12.66 2.58
N ASP A 88 -7.34 -11.85 3.36
CA ASP A 88 -8.21 -10.79 2.82
C ASP A 88 -7.45 -9.49 2.54
N SER A 89 -7.82 -8.84 1.45
CA SER A 89 -7.32 -7.51 1.12
C SER A 89 -8.51 -6.56 1.28
N TYR A 90 -8.27 -5.42 1.91
CA TYR A 90 -9.29 -4.39 1.96
C TYR A 90 -8.74 -2.95 1.87
N LEU A 91 -9.27 -2.15 0.96
CA LEU A 91 -8.90 -0.73 0.88
C LEU A 91 -9.89 0.16 1.63
N LEU A 92 -9.38 0.90 2.59
CA LEU A 92 -10.16 1.86 3.35
C LEU A 92 -9.92 3.27 2.75
N PRO A 93 -10.99 3.96 2.33
CA PRO A 93 -10.78 5.28 1.74
C PRO A 93 -10.41 6.35 2.79
N GLY A 94 -9.93 7.49 2.31
CA GLY A 94 -9.66 8.64 3.18
C GLY A 94 -10.92 9.17 3.84
N ASN A 95 -10.78 9.66 5.07
CA ASN A 95 -11.85 10.35 5.81
C ASN A 95 -12.99 9.47 6.33
N VAL A 96 -12.73 8.17 6.37
CA VAL A 96 -13.63 7.21 6.96
C VAL A 96 -13.17 6.97 8.39
N PRO A 97 -13.96 7.41 9.38
CA PRO A 97 -13.60 7.09 10.75
C PRO A 97 -13.44 5.58 10.88
N HIS A 98 -12.33 5.16 11.49
CA HIS A 98 -12.01 3.72 11.60
C HIS A 98 -11.24 3.35 12.88
N SER A 99 -11.48 2.14 13.36
CA SER A 99 -10.91 1.68 14.61
C SER A 99 -10.56 0.17 14.57
N PRO A 100 -9.26 -0.15 14.41
CA PRO A 100 -8.76 -1.50 14.22
C PRO A 100 -8.78 -2.32 15.47
N VAL A 101 -9.41 -3.47 15.40
CA VAL A 101 -9.38 -4.39 16.51
C VAL A 101 -8.61 -5.60 16.07
N ARG A 102 -7.50 -5.83 16.75
CA ARG A 102 -6.63 -6.94 16.48
C ARG A 102 -6.66 -7.95 17.62
N PHE A 103 -6.53 -9.23 17.27
CA PHE A 103 -6.64 -10.31 18.25
C PHE A 103 -5.31 -11.02 18.46
N ALA A 104 -5.18 -11.73 19.57
CA ALA A 104 -3.97 -12.50 19.87
C ALA A 104 -3.58 -13.46 18.74
N ASP A 105 -2.27 -13.72 18.67
CA ASP A 105 -1.55 -14.33 17.57
C ASP A 105 -2.17 -14.28 16.17
N THR A 106 -2.32 -13.04 15.70
CA THR A 106 -2.67 -12.75 14.33
C THR A 106 -1.53 -11.93 13.71
N VAL A 107 -1.41 -11.93 12.38
CA VAL A 107 -0.42 -11.08 11.69
C VAL A 107 -1.07 -10.26 10.55
N GLY A 108 -0.87 -8.94 10.56
CA GLY A 108 -1.41 -8.06 9.52
C GLY A 108 -0.35 -7.20 8.84
N ILE A 109 -0.61 -6.83 7.60
CA ILE A 109 0.14 -5.80 6.92
C ILE A 109 -0.78 -4.59 6.77
N VAL A 110 -0.28 -3.40 7.10
CA VAL A 110 -0.99 -2.15 6.78
C VAL A 110 -0.10 -1.25 5.95
N VAL A 111 -0.70 -0.65 4.93
CA VAL A 111 0.02 0.27 4.07
C VAL A 111 -0.70 1.61 4.08
N GLU A 112 0.07 2.65 4.33
CA GLU A 112 -0.43 4.02 4.39
C GLU A 112 0.53 4.87 3.60
N GLN A 113 0.06 6.05 3.20
CA GLN A 113 0.92 6.97 2.48
C GLN A 113 1.15 8.25 3.28
N ASP A 114 2.30 8.89 3.05
CA ASP A 114 2.63 10.19 3.66
C ASP A 114 1.67 11.28 3.18
N ARG A 115 1.18 12.07 4.14
CA ARG A 115 0.08 13.01 3.89
C ARG A 115 0.54 14.25 3.10
N PRO A 116 -0.40 14.89 2.34
CA PRO A 116 -0.11 16.12 1.57
C PRO A 116 0.50 17.26 2.40
N GLY A 117 -0.28 17.85 3.31
CA GLY A 117 0.24 18.92 4.18
C GLY A 117 -0.73 20.03 4.55
N GLY A 118 -1.97 19.90 4.06
CA GLY A 118 -3.01 20.91 4.28
C GLY A 118 -4.30 20.36 4.89
N GLU A 119 -4.33 19.04 5.09
CA GLU A 119 -5.44 18.37 5.75
C GLU A 119 -4.87 17.48 6.88
N ASN A 120 -5.33 17.72 8.11
CA ASN A 120 -4.79 17.00 9.27
C ASN A 120 -5.44 15.64 9.52
N ASP A 121 -4.80 14.83 10.36
CA ASP A 121 -5.40 13.62 10.93
C ASP A 121 -6.27 14.01 12.13
N LYS A 122 -7.35 13.29 12.36
CA LYS A 122 -8.15 13.49 13.57
C LYS A 122 -8.23 12.19 14.34
N ILE A 123 -8.37 12.30 15.66
CA ILE A 123 -8.68 11.17 16.51
C ILE A 123 -10.02 11.44 17.20
N ARG A 124 -10.88 10.43 17.27
CA ARG A 124 -12.26 10.63 17.69
C ARG A 124 -12.79 9.46 18.53
N TRP A 125 -13.61 9.80 19.53
CA TRP A 125 -14.25 8.85 20.43
C TRP A 125 -15.75 9.01 20.37
N TYR A 126 -16.44 7.89 20.13
CA TYR A 126 -17.90 7.82 20.21
C TYR A 126 -18.33 7.27 21.57
N CYS A 127 -19.45 7.78 22.09
CA CYS A 127 -19.99 7.28 23.34
C CYS A 127 -20.33 5.81 23.23
N SER A 128 -19.99 5.04 24.26
CA SER A 128 -20.26 3.61 24.20
C SER A 128 -21.74 3.36 24.40
N HIS A 129 -22.43 4.31 25.00
CA HIS A 129 -23.84 4.13 25.27
C HIS A 129 -24.78 4.61 24.19
N CYS A 130 -24.54 5.81 23.64
CA CYS A 130 -25.47 6.44 22.70
C CYS A 130 -24.82 6.70 21.35
N ARG A 131 -23.53 6.39 21.26
CA ARG A 131 -22.70 6.51 20.05
C ARG A 131 -22.59 7.92 19.47
N GLN A 132 -22.91 8.91 20.29
CA GLN A 132 -22.65 10.31 19.96
C GLN A 132 -21.17 10.61 20.12
N VAL A 133 -20.67 11.55 19.33
CA VAL A 133 -19.27 11.98 19.41
C VAL A 133 -19.01 12.59 20.78
N VAL A 134 -18.09 11.97 21.52
CA VAL A 134 -17.73 12.41 22.86
C VAL A 134 -16.54 13.37 22.87
N HIS A 135 -15.56 13.10 22.00
CA HIS A 135 -14.34 13.90 21.91
C HIS A 135 -13.58 13.68 20.62
N GLU A 136 -13.01 14.75 20.10
CA GLU A 136 -12.25 14.72 18.88
C GLU A 136 -11.06 15.65 19.03
N SER A 137 -9.93 15.24 18.48
CA SER A 137 -8.75 16.07 18.48
C SER A 137 -8.06 16.02 17.12
N GLU A 138 -7.66 17.18 16.62
CA GLU A 138 -6.90 17.28 15.37
C GLU A 138 -5.43 16.97 15.66
N LEU A 139 -4.80 16.19 14.78
CA LEU A 139 -3.41 15.81 14.99
C LEU A 139 -2.48 16.68 14.16
N GLN A 140 -1.25 16.87 14.67
CA GLN A 140 -0.24 17.69 13.98
C GLN A 140 0.40 16.96 12.80
N MET A 141 0.85 17.75 11.83
CA MET A 141 1.48 17.22 10.62
C MET A 141 2.88 16.67 10.92
N LEU A 142 3.80 17.57 11.28
CA LEU A 142 5.23 17.28 11.50
C LEU A 142 5.53 16.09 12.43
N ASP A 143 4.75 15.97 13.51
CA ASP A 143 4.98 14.94 14.51
C ASP A 143 4.05 13.75 14.31
N LEU A 144 4.56 12.76 13.59
CA LEU A 144 3.77 11.61 13.16
C LEU A 144 3.76 10.47 14.18
N GLY A 145 2.57 10.14 14.68
CA GLY A 145 2.39 8.99 15.58
C GLY A 145 2.62 9.26 17.06
N THR A 146 3.43 10.26 17.38
CA THR A 146 3.68 10.63 18.78
C THR A 146 2.61 11.56 19.34
N GLN A 147 1.94 12.29 18.45
CA GLN A 147 0.82 13.13 18.85
C GLN A 147 -0.41 12.27 19.17
N VAL A 148 -0.34 11.00 18.80
CA VAL A 148 -1.42 10.05 19.01
C VAL A 148 -1.49 9.58 20.47
N LYS A 149 -0.39 9.02 20.98
CA LYS A 149 -0.34 8.53 22.36
C LYS A 149 -0.47 9.70 23.33
N GLU A 150 -0.10 10.89 22.85
CA GLU A 150 -0.24 12.13 23.59
C GLU A 150 -1.71 12.53 23.69
N ALA A 151 -2.50 12.18 22.68
CA ALA A 151 -3.91 12.54 22.62
C ALA A 151 -4.79 11.54 23.37
N ILE A 152 -4.34 10.27 23.41
CA ILE A 152 -4.99 9.22 24.19
C ILE A 152 -4.79 9.48 25.69
N LEU A 153 -3.55 9.75 26.07
CA LEU A 153 -3.20 10.13 27.45
C LEU A 153 -4.01 11.32 27.93
N ASP A 154 -4.13 12.31 27.05
CA ASP A 154 -4.86 13.55 27.34
C ASP A 154 -6.35 13.29 27.53
N PHE A 155 -6.90 12.42 26.69
CA PHE A 155 -8.28 11.95 26.81
C PHE A 155 -8.45 11.17 28.11
N GLU A 156 -7.60 10.17 28.33
CA GLU A 156 -7.58 9.34 29.56
C GLU A 156 -7.67 10.18 30.84
N ASN A 157 -6.90 11.26 30.89
CA ASN A 157 -6.71 12.01 32.12
C ASN A 157 -7.58 13.24 32.26
N ASP A 158 -8.57 13.36 31.39
CA ASP A 158 -9.56 14.43 31.47
C ASP A 158 -10.95 13.79 31.48
N VAL A 159 -11.58 13.81 32.66
CA VAL A 159 -12.86 13.13 32.84
C VAL A 159 -14.02 13.78 32.11
N GLU A 160 -13.98 15.11 31.97
CA GLU A 160 -15.07 15.85 31.33
C GLU A 160 -15.03 15.70 29.80
N LYS A 161 -13.85 15.40 29.27
CA LYS A 161 -13.69 15.04 27.87
C LYS A 161 -14.18 13.61 27.68
N ARG A 162 -14.02 12.83 28.74
CA ARG A 162 -14.39 11.41 28.76
C ARG A 162 -15.89 11.19 28.98
N THR A 163 -16.57 12.24 29.44
CA THR A 163 -17.99 12.19 29.72
C THR A 163 -18.79 12.61 28.49
N CYS A 164 -19.76 11.78 28.13
CA CYS A 164 -20.73 12.14 27.10
C CYS A 164 -21.66 13.28 27.56
N PHE A 165 -21.69 14.38 26.83
CA PHE A 165 -22.50 15.51 27.22
C PHE A 165 -23.98 15.15 27.25
N HIS A 166 -24.38 14.20 26.40
CA HIS A 166 -25.77 13.82 26.19
C HIS A 166 -26.31 12.78 27.17
N CYS A 167 -25.68 11.62 27.28
CA CYS A 167 -26.18 10.60 28.20
C CYS A 167 -25.39 10.56 29.52
N LYS A 168 -24.35 11.38 29.61
CA LYS A 168 -23.52 11.48 30.83
C LYS A 168 -22.68 10.21 31.15
N THR A 169 -22.63 9.27 30.19
CA THR A 169 -21.80 8.08 30.31
C THR A 169 -20.31 8.42 30.37
N LEU A 170 -19.65 7.88 31.40
CA LEU A 170 -18.19 7.96 31.51
C LEU A 170 -17.55 7.00 30.50
N ASN A 171 -16.85 7.58 29.53
CA ASN A 171 -16.21 6.80 28.49
C ASN A 171 -14.73 6.55 28.82
N TYR A 172 -14.11 5.61 28.10
CA TYR A 172 -12.72 5.16 28.36
C TYR A 172 -11.87 5.20 27.08
N ALA A 173 -10.55 5.25 27.25
CA ALA A 173 -9.61 5.21 26.11
C ALA A 173 -9.34 3.79 25.64
N ARG A 174 -9.71 2.81 26.46
CA ARG A 174 -9.46 1.39 26.21
C ARG A 174 -10.54 0.53 26.91
N PRO A 175 -10.70 -0.74 26.49
CA PRO A 175 -11.76 -1.57 27.10
C PRO A 175 -11.65 -1.73 28.63
N GLN A 176 -12.77 -1.44 29.32
CA GLN A 176 -12.89 -1.48 30.80
C GLN A 176 -12.01 -0.44 31.51
N ALA B 1 -22.09 8.17 -3.29
CA ALA B 1 -21.02 8.65 -2.35
C ALA B 1 -20.59 7.56 -1.35
N MET B 2 -21.24 6.40 -1.44
CA MET B 2 -20.93 5.25 -0.58
C MET B 2 -19.73 4.46 -1.09
N PHE B 3 -19.04 3.82 -0.16
CA PHE B 3 -17.79 3.12 -0.42
C PHE B 3 -17.90 1.62 -0.09
N ASN B 4 -16.97 0.83 -0.61
CA ASN B 4 -16.97 -0.61 -0.39
C ASN B 4 -16.58 -0.96 1.03
N THR B 5 -17.33 -1.86 1.63
CA THR B 5 -17.01 -2.38 2.96
C THR B 5 -16.73 -3.89 2.90
N THR B 6 -16.51 -4.43 1.71
CA THR B 6 -16.35 -5.87 1.55
C THR B 6 -14.88 -6.18 1.22
N PRO B 7 -14.18 -6.86 2.14
CA PRO B 7 -12.84 -7.33 1.81
C PRO B 7 -12.87 -8.37 0.69
N ILE B 8 -11.72 -8.59 0.08
CA ILE B 8 -11.58 -9.57 -0.96
C ILE B 8 -10.52 -10.56 -0.54
N ASN B 9 -10.88 -11.84 -0.62
CA ASN B 9 -9.96 -12.89 -0.31
C ASN B 9 -9.17 -13.18 -1.54
N ILE B 10 -7.84 -13.02 -1.44
CA ILE B 10 -6.96 -13.22 -2.56
C ILE B 10 -7.05 -14.64 -3.15
N ASP B 11 -7.01 -15.66 -2.29
CA ASP B 11 -7.05 -17.06 -2.76
C ASP B 11 -8.26 -17.32 -3.61
N LYS B 12 -9.42 -16.94 -3.07
CA LYS B 12 -10.71 -17.08 -3.75
C LYS B 12 -10.79 -16.25 -5.01
N TRP B 13 -10.36 -14.99 -4.94
CA TRP B 13 -10.30 -14.16 -6.13
C TRP B 13 -9.49 -14.87 -7.18
N LEU B 14 -8.36 -15.43 -6.76
CA LEU B 14 -7.47 -16.14 -7.68
C LEU B 14 -8.09 -17.41 -8.24
N LYS B 15 -8.71 -18.21 -7.38
CA LYS B 15 -9.38 -19.45 -7.82
C LYS B 15 -10.41 -19.16 -8.90
N GLU B 16 -11.05 -17.99 -8.82
CA GLU B 16 -12.11 -17.65 -9.77
C GLU B 16 -11.61 -16.81 -10.95
N ASN B 17 -10.59 -15.99 -10.72
CA ASN B 17 -10.19 -14.98 -11.69
C ASN B 17 -8.76 -15.06 -12.24
N GLU B 18 -7.96 -16.02 -11.77
CA GLU B 18 -6.54 -16.11 -12.16
C GLU B 18 -6.31 -16.09 -13.69
N GLY B 19 -7.33 -16.44 -14.44
CA GLY B 19 -7.31 -16.36 -15.90
C GLY B 19 -7.40 -14.94 -16.43
N LEU B 20 -7.92 -14.02 -15.62
CA LEU B 20 -7.97 -12.60 -15.96
C LEU B 20 -6.56 -11.99 -16.02
N LEU B 21 -5.59 -12.71 -15.49
CA LEU B 21 -4.22 -12.25 -15.52
C LEU B 21 -3.64 -12.56 -16.92
N LYS B 22 -3.44 -11.50 -17.70
CA LYS B 22 -3.19 -11.62 -19.14
C LYS B 22 -1.94 -10.86 -19.58
N PRO B 23 -1.19 -11.41 -20.56
CA PRO B 23 0.05 -10.75 -20.97
C PRO B 23 -0.22 -9.39 -21.62
N PRO B 24 0.83 -8.53 -21.76
CA PRO B 24 2.23 -8.67 -21.30
C PRO B 24 2.50 -8.17 -19.88
N VAL B 25 1.45 -7.69 -19.21
CA VAL B 25 1.56 -7.10 -17.86
C VAL B 25 0.98 -8.00 -16.76
N ASN B 26 -0.11 -8.71 -17.10
CA ASN B 26 -0.67 -9.77 -16.26
C ASN B 26 -1.30 -9.27 -14.95
N ASN B 27 -1.73 -8.01 -14.95
CA ASN B 27 -2.22 -7.37 -13.73
C ASN B 27 -3.71 -7.09 -13.72
N TYR B 28 -4.25 -6.97 -12.53
CA TYR B 28 -5.64 -6.62 -12.32
C TYR B 28 -5.73 -5.78 -11.07
N CYS B 29 -6.67 -4.85 -11.05
CA CYS B 29 -6.81 -3.95 -9.91
C CYS B 29 -7.91 -4.42 -8.99
N LEU B 30 -7.50 -4.80 -7.78
CA LEU B 30 -8.42 -5.26 -6.77
C LEU B 30 -9.15 -4.08 -6.17
N HIS B 31 -8.41 -3.01 -5.92
CA HIS B 31 -8.95 -1.82 -5.32
C HIS B 31 -8.38 -0.62 -6.05
N LYS B 32 -9.14 0.47 -6.07
CA LYS B 32 -8.79 1.70 -6.76
C LYS B 32 -9.27 2.93 -5.98
N GLY B 33 -8.51 4.01 -6.04
CA GLY B 33 -8.89 5.24 -5.37
C GLY B 33 -7.95 5.57 -4.24
N GLY B 34 -6.91 6.33 -4.53
CA GLY B 34 -5.95 6.73 -3.53
C GLY B 34 -4.76 5.81 -3.58
N PHE B 35 -5.00 4.52 -3.33
CA PHE B 35 -4.07 3.51 -3.77
C PHE B 35 -4.71 2.75 -4.91
N THR B 36 -3.86 2.24 -5.77
CA THR B 36 -4.21 1.16 -6.67
C THR B 36 -3.56 -0.10 -6.12
N VAL B 37 -4.37 -1.11 -5.86
CA VAL B 37 -3.87 -2.39 -5.38
C VAL B 37 -4.00 -3.39 -6.51
N MET B 38 -2.87 -3.86 -7.01
CA MET B 38 -2.85 -4.80 -8.10
C MET B 38 -2.42 -6.17 -7.62
N ILE B 39 -2.97 -7.17 -8.28
CA ILE B 39 -2.53 -8.55 -8.17
C ILE B 39 -1.98 -8.96 -9.55
N VAL B 40 -0.74 -9.43 -9.57
CA VAL B 40 -0.07 -9.63 -10.84
C VAL B 40 0.35 -11.09 -11.01
N GLY B 41 0.11 -11.63 -12.19
CA GLY B 41 0.55 -12.98 -12.52
C GLY B 41 1.76 -12.95 -13.43
N GLY B 42 2.04 -14.11 -14.02
CA GLY B 42 3.12 -14.27 -14.99
C GLY B 42 2.83 -15.49 -15.87
N PRO B 43 3.72 -15.80 -16.83
CA PRO B 43 4.93 -15.01 -17.11
C PRO B 43 4.59 -13.75 -17.88
N ASN B 44 5.22 -12.65 -17.54
CA ASN B 44 5.02 -11.40 -18.25
C ASN B 44 6.02 -11.29 -19.41
N GLU B 45 5.76 -10.36 -20.32
CA GLU B 45 6.47 -10.41 -21.60
C GLU B 45 6.97 -9.03 -22.03
N ARG B 46 7.91 -8.47 -21.26
CA ARG B 46 8.45 -7.14 -21.56
C ARG B 46 9.84 -6.77 -21.00
N THR B 47 10.48 -5.84 -21.68
CA THR B 47 11.83 -5.43 -21.34
C THR B 47 11.89 -3.97 -20.90
N ASP B 48 10.73 -3.30 -20.96
CA ASP B 48 10.59 -1.88 -20.61
C ASP B 48 10.78 -1.62 -19.12
N TYR B 49 11.14 -0.37 -18.81
CA TYR B 49 11.34 0.09 -17.45
C TYR B 49 10.30 1.16 -17.16
N HIS B 50 9.64 1.04 -16.01
CA HIS B 50 8.64 2.02 -15.60
C HIS B 50 9.35 3.09 -14.76
N ILE B 51 9.00 4.36 -14.99
CA ILE B 51 9.42 5.43 -14.09
C ILE B 51 8.16 6.03 -13.50
N ASN B 52 8.03 5.96 -12.19
CA ASN B 52 6.84 6.34 -11.45
C ASN B 52 7.30 7.30 -10.38
N PRO B 53 6.78 8.55 -10.39
CA PRO B 53 7.29 9.59 -9.48
C PRO B 53 6.98 9.31 -8.02
N THR B 54 6.09 8.33 -7.81
CA THR B 54 5.70 7.88 -6.47
C THR B 54 6.24 6.47 -6.22
N PRO B 55 6.20 6.00 -4.95
CA PRO B 55 6.79 4.72 -4.61
C PRO B 55 5.90 3.54 -5.00
N GLU B 56 6.48 2.34 -4.98
CA GLU B 56 5.73 1.13 -5.30
C GLU B 56 6.12 0.00 -4.34
N TRP B 57 5.11 -0.74 -3.87
CA TRP B 57 5.35 -1.79 -2.89
C TRP B 57 5.02 -3.15 -3.50
N PHE B 58 5.99 -4.06 -3.40
CA PHE B 58 5.89 -5.40 -3.95
C PHE B 58 5.86 -6.45 -2.85
N TYR B 59 4.95 -7.40 -3.00
CA TYR B 59 4.88 -8.55 -2.11
C TYR B 59 4.53 -9.75 -2.95
N GLN B 60 5.32 -10.80 -2.83
CA GLN B 60 5.09 -12.02 -3.58
C GLN B 60 4.31 -13.02 -2.74
N LYS B 61 3.04 -13.21 -3.07
CA LYS B 61 2.22 -14.14 -2.33
C LYS B 61 2.60 -15.57 -2.67
N LYS B 62 3.14 -15.75 -3.86
CA LYS B 62 3.43 -17.07 -4.38
C LYS B 62 4.50 -16.97 -5.46
N GLY B 63 5.52 -17.78 -5.34
CA GLY B 63 6.64 -17.76 -6.27
C GLY B 63 7.51 -16.54 -6.10
N SER B 64 8.52 -16.43 -6.95
CA SER B 64 9.44 -15.30 -6.87
C SER B 64 9.33 -14.43 -8.11
N MET B 65 9.81 -13.20 -8.01
CA MET B 65 9.90 -12.34 -9.18
C MET B 65 11.28 -11.68 -9.26
N LEU B 66 11.56 -11.03 -10.39
CA LEU B 66 12.79 -10.29 -10.57
C LEU B 66 12.45 -8.85 -10.85
N LEU B 67 12.88 -7.97 -9.96
CA LEU B 67 12.72 -6.56 -10.19
C LEU B 67 14.08 -6.00 -10.64
N LYS B 68 14.23 -5.77 -11.94
CA LYS B 68 15.39 -5.07 -12.46
C LYS B 68 15.13 -3.62 -12.15
N VAL B 69 16.12 -2.94 -11.56
CA VAL B 69 16.04 -1.51 -11.25
C VAL B 69 17.28 -0.80 -11.75
N VAL B 70 17.16 0.52 -11.97
CA VAL B 70 18.31 1.33 -12.27
C VAL B 70 18.52 2.38 -11.17
N ASP B 71 19.66 2.27 -10.49
CA ASP B 71 20.12 3.28 -9.57
C ASP B 71 20.77 4.42 -10.37
N GLU B 72 20.24 5.63 -10.18
CA GLU B 72 20.72 6.79 -10.89
C GLU B 72 21.21 7.88 -9.93
N THR B 73 21.41 7.48 -8.67
CA THR B 73 21.78 8.44 -7.65
C THR B 73 23.14 9.09 -7.95
N ASP B 74 24.09 8.29 -8.44
CA ASP B 74 25.44 8.75 -8.77
C ASP B 74 25.56 8.99 -10.26
N ALA B 75 26.72 9.53 -10.67
CA ALA B 75 26.97 10.04 -12.03
C ALA B 75 26.63 9.09 -13.16
N GLU B 76 26.83 7.79 -12.96
CA GLU B 76 26.53 6.83 -14.00
C GLU B 76 25.63 5.72 -13.43
N PRO B 77 24.90 5.00 -14.32
CA PRO B 77 23.87 4.05 -13.83
C PRO B 77 24.43 2.76 -13.23
N LYS B 78 23.63 2.19 -12.34
CA LYS B 78 23.85 0.86 -11.80
C LYS B 78 22.63 0.01 -12.16
N PHE B 79 22.85 -1.08 -12.86
CA PHE B 79 21.78 -1.97 -13.25
C PHE B 79 21.75 -3.14 -12.30
N ILE B 80 20.75 -3.17 -11.43
CA ILE B 80 20.65 -4.15 -10.35
C ILE B 80 19.42 -5.04 -10.49
N ASP B 81 19.63 -6.34 -10.30
CA ASP B 81 18.56 -7.33 -10.21
C ASP B 81 18.16 -7.51 -8.76
N ILE B 82 16.91 -7.21 -8.45
CA ILE B 82 16.36 -7.46 -7.11
C ILE B 82 15.46 -8.69 -7.16
N ILE B 83 15.94 -9.81 -6.62
CA ILE B 83 15.14 -11.02 -6.55
C ILE B 83 14.19 -10.90 -5.35
N ILE B 84 12.90 -10.97 -5.62
CA ILE B 84 11.90 -10.92 -4.58
C ILE B 84 11.29 -12.31 -4.51
N ASN B 85 11.67 -13.06 -3.48
CA ASN B 85 11.21 -14.43 -3.30
C ASN B 85 9.77 -14.47 -2.78
N GLU B 86 9.23 -15.68 -2.67
CA GLU B 86 7.92 -15.89 -2.07
C GLU B 86 7.92 -15.39 -0.64
N GLY B 87 6.92 -14.61 -0.29
CA GLY B 87 6.82 -14.02 1.03
C GLY B 87 7.66 -12.77 1.24
N ASP B 88 8.30 -12.27 0.17
CA ASP B 88 9.19 -11.11 0.29
C ASP B 88 8.46 -9.77 0.15
N SER B 89 8.76 -8.86 1.08
CA SER B 89 8.23 -7.50 1.04
C SER B 89 9.33 -6.53 0.59
N TYR B 90 8.98 -5.63 -0.33
CA TYR B 90 9.94 -4.65 -0.80
C TYR B 90 9.28 -3.38 -1.32
N LEU B 91 9.77 -2.24 -0.81
CA LEU B 91 9.27 -0.91 -1.19
C LEU B 91 10.28 -0.19 -2.10
N LEU B 92 9.93 -0.08 -3.37
CA LEU B 92 10.69 0.71 -4.32
C LEU B 92 10.24 2.19 -4.20
N PRO B 93 11.20 3.14 -4.05
CA PRO B 93 10.98 4.62 -4.08
C PRO B 93 10.61 5.27 -5.43
N GLY B 94 9.99 6.46 -5.37
CA GLY B 94 9.63 7.23 -6.56
C GLY B 94 10.83 7.43 -7.45
N ASN B 95 10.61 7.37 -8.77
CA ASN B 95 11.62 7.69 -9.80
C ASN B 95 12.70 6.64 -10.08
N VAL B 96 12.60 5.48 -9.44
CA VAL B 96 13.55 4.40 -9.74
C VAL B 96 13.02 3.60 -10.90
N PRO B 97 13.73 3.64 -12.05
CA PRO B 97 13.22 2.86 -13.17
C PRO B 97 13.29 1.38 -12.84
N HIS B 98 12.22 0.66 -13.15
CA HIS B 98 12.09 -0.73 -12.74
C HIS B 98 11.38 -1.54 -13.79
N SER B 99 11.77 -2.81 -13.93
CA SER B 99 11.22 -3.68 -14.93
C SER B 99 10.95 -5.03 -14.30
N PRO B 100 9.68 -5.29 -13.93
CA PRO B 100 9.36 -6.53 -13.25
C PRO B 100 9.40 -7.72 -14.18
N VAL B 101 10.18 -8.74 -13.83
CA VAL B 101 10.23 -9.94 -14.64
C VAL B 101 9.48 -11.01 -13.85
N ARG B 102 8.40 -11.49 -14.45
CA ARG B 102 7.50 -12.40 -13.76
C ARG B 102 7.48 -13.77 -14.42
N PHE B 103 7.30 -14.81 -13.61
CA PHE B 103 7.34 -16.19 -14.09
C PHE B 103 5.98 -16.87 -14.00
N ALA B 104 5.83 -17.99 -14.71
CA ALA B 104 4.59 -18.76 -14.71
C ALA B 104 4.23 -19.20 -13.29
N ASP B 105 2.92 -19.28 -13.04
CA ASP B 105 2.37 -19.76 -11.76
C ASP B 105 2.83 -18.97 -10.53
N THR B 106 3.12 -17.67 -10.70
CA THR B 106 3.50 -16.84 -9.55
C THR B 106 2.40 -15.82 -9.28
N VAL B 107 2.31 -15.38 -8.03
CA VAL B 107 1.35 -14.34 -7.66
C VAL B 107 2.02 -13.27 -6.80
N GLY B 108 1.89 -12.02 -7.22
CA GLY B 108 2.42 -10.90 -6.49
C GLY B 108 1.32 -9.88 -6.25
N ILE B 109 1.54 -9.03 -5.25
CA ILE B 109 0.72 -7.85 -5.00
C ILE B 109 1.59 -6.64 -5.26
N VAL B 110 1.02 -5.65 -5.94
CA VAL B 110 1.67 -4.35 -6.13
C VAL B 110 0.71 -3.24 -5.71
N VAL B 111 1.16 -2.42 -4.77
CA VAL B 111 0.38 -1.28 -4.35
C VAL B 111 1.03 -0.01 -4.90
N GLU B 112 0.21 0.82 -5.56
CA GLU B 112 0.66 2.13 -6.04
C GLU B 112 -0.25 3.19 -5.46
N GLN B 113 0.27 4.40 -5.30
CA GLN B 113 -0.56 5.53 -4.93
C GLN B 113 -0.78 6.41 -6.15
N ASP B 114 -1.98 6.98 -6.23
CA ASP B 114 -2.30 8.01 -7.21
C ASP B 114 -1.19 9.06 -7.30
N ARG B 115 -1.08 9.68 -8.48
CA ARG B 115 -0.06 10.69 -8.73
C ARG B 115 -0.64 12.09 -8.59
N PRO B 116 0.10 13.01 -7.93
CA PRO B 116 -0.27 14.44 -7.83
C PRO B 116 -0.27 15.22 -9.15
N GLY B 117 -0.33 16.54 -9.04
CA GLY B 117 -0.48 17.42 -10.21
C GLY B 117 0.81 17.85 -10.88
N GLY B 118 1.24 17.05 -11.86
CA GLY B 118 2.40 17.40 -12.70
C GLY B 118 3.51 16.35 -12.75
N GLU B 119 3.24 15.20 -12.14
CA GLU B 119 4.21 14.12 -12.09
C GLU B 119 3.84 13.05 -13.12
N ASN B 120 4.36 13.18 -14.34
CA ASN B 120 4.10 12.20 -15.39
C ASN B 120 4.95 10.95 -15.23
N ASP B 121 4.32 9.79 -15.40
CA ASP B 121 5.03 8.51 -15.54
C ASP B 121 5.80 8.49 -16.85
N LYS B 122 6.82 7.63 -16.92
CA LYS B 122 7.52 7.38 -18.17
C LYS B 122 7.74 5.89 -18.36
N ILE B 123 7.84 5.48 -19.61
CA ILE B 123 8.19 4.13 -19.95
C ILE B 123 9.47 4.24 -20.77
N ARG B 124 10.46 3.42 -20.43
CA ARG B 124 11.80 3.54 -20.96
C ARG B 124 12.33 2.19 -21.38
N TRP B 125 13.09 2.16 -22.47
CA TRP B 125 13.88 0.99 -22.85
C TRP B 125 15.37 1.30 -22.90
N TYR B 126 16.16 0.30 -22.54
CA TYR B 126 17.62 0.34 -22.61
C TYR B 126 18.16 -0.64 -23.65
N CYS B 127 19.29 -0.28 -24.25
CA CYS B 127 19.89 -1.09 -25.31
C CYS B 127 20.56 -2.36 -24.75
N SER B 128 20.16 -3.50 -25.29
CA SER B 128 20.73 -4.78 -24.86
C SER B 128 22.25 -4.85 -25.12
N HIS B 129 22.72 -4.02 -26.05
CA HIS B 129 24.13 -4.02 -26.42
C HIS B 129 25.00 -2.99 -25.69
N CYS B 130 24.55 -1.73 -25.64
CA CYS B 130 25.36 -0.69 -25.01
C CYS B 130 24.74 -0.14 -23.73
N ARG B 131 23.47 -0.45 -23.49
CA ARG B 131 22.73 0.01 -22.29
C ARG B 131 22.47 1.51 -22.18
N GLN B 132 22.58 2.22 -23.30
CA GLN B 132 22.08 3.59 -23.40
C GLN B 132 20.55 3.53 -23.50
N VAL B 133 19.90 4.68 -23.29
CA VAL B 133 18.45 4.73 -23.50
C VAL B 133 18.17 4.60 -24.98
N VAL B 134 17.37 3.59 -25.35
CA VAL B 134 16.96 3.41 -26.74
C VAL B 134 15.75 4.31 -27.00
N HIS B 135 14.72 4.10 -26.20
CA HIS B 135 13.49 4.85 -26.37
C HIS B 135 12.83 5.18 -25.05
N GLU B 136 12.35 6.42 -24.95
CA GLU B 136 11.61 6.89 -23.80
C GLU B 136 10.32 7.55 -24.20
N SER B 137 9.23 7.08 -23.63
CA SER B 137 7.93 7.65 -23.87
C SER B 137 7.36 8.15 -22.55
N GLU B 138 6.93 9.41 -22.52
CA GLU B 138 6.27 9.97 -21.37
C GLU B 138 4.77 9.62 -21.51
N LEU B 139 4.14 9.17 -20.41
CA LEU B 139 2.72 8.75 -20.39
C LEU B 139 1.81 9.89 -19.90
N GLN B 140 0.69 10.08 -20.62
CA GLN B 140 -0.06 11.33 -20.52
C GLN B 140 -0.94 11.56 -19.27
N MET B 141 -0.79 10.70 -18.25
CA MET B 141 -1.38 10.92 -16.92
C MET B 141 -2.74 10.29 -16.66
N LEU B 142 -3.33 9.63 -17.67
CA LEU B 142 -4.59 8.91 -17.45
C LEU B 142 -4.67 7.59 -18.19
N ASP B 143 -5.47 6.68 -17.64
CA ASP B 143 -5.73 5.34 -18.20
C ASP B 143 -4.43 4.55 -18.33
N LEU B 144 -3.47 4.92 -17.44
CA LEU B 144 -2.17 4.23 -17.33
C LEU B 144 -2.50 2.75 -17.17
N GLY B 145 -2.01 1.94 -18.10
CA GLY B 145 -2.40 0.54 -18.18
C GLY B 145 -2.69 0.23 -19.63
N THR B 146 -3.57 1.02 -20.25
CA THR B 146 -3.84 0.91 -21.69
C THR B 146 -2.87 1.83 -22.45
N GLN B 147 -2.23 2.73 -21.72
CA GLN B 147 -1.13 3.50 -22.29
C GLN B 147 0.18 2.72 -22.16
N VAL B 148 0.32 1.98 -21.08
CA VAL B 148 1.47 1.09 -20.88
C VAL B 148 1.36 -0.17 -21.79
N LYS B 149 0.26 -0.26 -22.53
CA LYS B 149 0.06 -1.33 -23.49
C LYS B 149 0.26 -0.80 -24.92
N GLU B 150 -0.28 0.39 -25.19
CA GLU B 150 -0.17 0.99 -26.52
C GLU B 150 1.22 1.58 -26.80
N ALA B 151 2.08 1.60 -25.78
CA ALA B 151 3.46 2.06 -25.94
C ALA B 151 4.38 0.87 -26.27
N ILE B 152 4.19 -0.24 -25.55
CA ILE B 152 4.90 -1.50 -25.82
C ILE B 152 4.59 -2.00 -27.22
N LEU B 153 3.29 -2.00 -27.54
CA LEU B 153 2.79 -2.40 -28.84
C LEU B 153 3.39 -1.54 -29.96
N ASP B 154 3.40 -0.22 -29.73
CA ASP B 154 3.98 0.73 -30.68
C ASP B 154 5.51 0.61 -30.72
N PHE B 155 6.10 0.15 -29.63
CA PHE B 155 7.53 -0.16 -29.62
C PHE B 155 7.79 -1.42 -30.45
N GLU B 156 7.00 -2.46 -30.18
CA GLU B 156 7.11 -3.74 -30.89
C GLU B 156 7.00 -3.56 -32.40
N ASN B 157 6.38 -2.45 -32.83
CA ASN B 157 6.12 -2.22 -34.25
C ASN B 157 7.03 -1.24 -34.95
N ASP B 158 7.66 -0.36 -34.19
CA ASP B 158 8.46 0.70 -34.78
C ASP B 158 9.95 0.34 -34.73
N VAL B 159 10.49 -0.08 -35.86
CA VAL B 159 11.90 -0.50 -35.93
C VAL B 159 12.91 0.64 -35.75
N GLU B 160 12.53 1.84 -36.19
CA GLU B 160 13.39 3.02 -35.99
C GLU B 160 13.42 3.43 -34.52
N LYS B 161 12.29 3.20 -33.84
CA LYS B 161 12.15 3.42 -32.40
C LYS B 161 12.95 2.40 -31.59
N ARG B 162 12.91 1.14 -32.02
CA ARG B 162 13.66 0.04 -31.36
C ARG B 162 15.16 0.06 -31.64
N THR B 163 15.60 0.96 -32.52
CA THR B 163 17.00 1.09 -32.87
C THR B 163 17.71 2.06 -31.95
N CYS B 164 18.77 1.58 -31.30
CA CYS B 164 19.59 2.40 -30.45
C CYS B 164 20.24 3.48 -31.31
N PHE B 165 20.03 4.73 -30.92
CA PHE B 165 20.62 5.84 -31.61
C PHE B 165 22.15 5.81 -31.55
N HIS B 166 22.68 5.19 -30.49
CA HIS B 166 24.08 5.26 -30.19
C HIS B 166 24.89 4.17 -30.90
N CYS B 167 24.62 2.90 -30.59
CA CYS B 167 25.34 1.80 -31.26
C CYS B 167 24.58 1.24 -32.46
N LYS B 168 23.36 1.73 -32.67
CA LYS B 168 22.52 1.29 -33.79
C LYS B 168 22.00 -0.17 -33.72
N THR B 169 22.10 -0.80 -32.56
CA THR B 169 21.51 -2.13 -32.39
C THR B 169 19.99 -2.04 -32.53
N LEU B 170 19.41 -3.00 -33.24
CA LEU B 170 17.97 -3.21 -33.22
C LEU B 170 17.63 -4.02 -31.98
N ASN B 171 16.83 -3.42 -31.11
CA ASN B 171 16.48 -4.11 -29.90
C ASN B 171 15.31 -5.08 -30.09
N TYR B 172 15.64 -6.38 -30.07
CA TYR B 172 14.72 -7.51 -30.28
C TYR B 172 13.30 -7.31 -29.72
NI NI C . -5.66 4.54 10.61
NI NI D . -23.58 9.06 25.35
NI NI E . 5.77 0.46 -11.78
NI NI F . 23.03 0.68 -28.01
#